data_2R9Y
#
_entry.id   2R9Y
#
_cell.length_a   115.679
_cell.length_b   115.679
_cell.length_c   100.533
_cell.angle_alpha   90.00
_cell.angle_beta   90.00
_cell.angle_gamma   120.00
#
_symmetry.space_group_name_H-M   'P 65'
#
loop_
_entity.id
_entity.type
_entity.pdbx_description
1 polymer Alpha-2-antiplasmin
2 water water
#
_entity_poly.entity_id   1
_entity_poly.type   'polypeptide(L)'
_entity_poly.pdbx_seq_one_letter_code
;MHHHHHHGSKSVPTAEETRRLAQAMMAFTTDLFSLVAQTSTSSNLVLSPLSVALALSHLALGAQNQTLHSLHRVLHMNTG
SCLPHLLSHFYQNLGPGTIRLAARIYLQKGFPIKDDFLEQSERLFGAKPVKLTGKQEEDLANINQWVKEATEGKIEDFLS
ELPDSTVLLLLNAIHFHGFWRTKFDPSLTQKDFFHLDERFTVSVDMMHAVSYPLRWFLLEQPEIQVAHFPFKNNMSFVVV
MPTYFEWNVSEVLANLTWDTLYHPSLQERPTKVWLPKLHLQQQLDLVATLSQLGLQELFQGPDLRGISEQNLVVSSVQHQ
STMELSEAGVEAAAATSVAMNRMSLSSFTVNRPFLFFIMEDTIGVPLFVGSVRNPNPSALPQLQEQRDSPDNRLIGQNDK
ADFHGGKTFGPDLKLAPRMEEDYPQFSSPK
;
_entity_poly.pdbx_strand_id   A
#
# COMPACT_ATOMS: atom_id res chain seq x y z
N VAL A 12 3.30 -17.07 17.05
CA VAL A 12 1.83 -16.87 16.92
C VAL A 12 1.32 -15.87 17.96
N PRO A 13 0.68 -14.77 17.51
CA PRO A 13 0.08 -13.80 18.42
C PRO A 13 -1.38 -14.12 18.78
N THR A 14 -1.87 -13.51 19.86
CA THR A 14 -3.22 -13.73 20.37
C THR A 14 -4.31 -13.14 19.46
N ALA A 15 -5.56 -13.52 19.72
CA ALA A 15 -6.72 -12.96 19.03
C ALA A 15 -6.85 -11.46 19.29
N GLU A 16 -6.52 -11.05 20.52
CA GLU A 16 -6.49 -9.63 20.88
C GLU A 16 -5.28 -8.92 20.25
N GLU A 17 -4.21 -9.68 20.03
CA GLU A 17 -2.95 -9.16 19.51
C GLU A 17 -3.07 -8.80 18.03
N THR A 18 -3.73 -9.67 17.26
CA THR A 18 -4.02 -9.35 15.86
C THR A 18 -5.11 -8.28 15.77
N ARG A 19 -6.09 -8.36 16.67
CA ARG A 19 -7.14 -7.34 16.77
C ARG A 19 -6.51 -5.96 16.96
N ARG A 20 -5.49 -5.88 17.82
CA ARG A 20 -4.78 -4.64 18.06
C ARG A 20 -4.00 -4.18 16.83
N LEU A 21 -3.42 -5.13 16.11
CA LEU A 21 -2.60 -4.81 14.92
C LEU A 21 -3.46 -4.23 13.78
N ALA A 22 -4.60 -4.87 13.53
CA ALA A 22 -5.57 -4.33 12.59
C ALA A 22 -5.94 -2.89 12.96
N GLN A 23 -6.31 -2.67 14.22
CA GLN A 23 -6.62 -1.32 14.72
C GLN A 23 -5.50 -0.35 14.47
N ALA A 24 -4.27 -0.77 14.81
CA ALA A 24 -3.09 0.07 14.67
C ALA A 24 -2.82 0.38 13.21
N MET A 25 -2.86 -0.65 12.36
CA MET A 25 -2.56 -0.48 10.95
C MET A 25 -3.59 0.39 10.22
N MET A 26 -4.84 0.36 10.68
CA MET A 26 -5.86 1.21 10.09
C MET A 26 -5.56 2.66 10.45
N ALA A 27 -5.24 2.91 11.71
CA ALA A 27 -4.92 4.26 12.19
C ALA A 27 -3.70 4.83 11.46
N PHE A 28 -2.68 3.99 11.28
CA PHE A 28 -1.50 4.41 10.55
C PHE A 28 -1.83 4.66 9.07
N THR A 29 -2.64 3.77 8.49
CA THR A 29 -3.02 3.88 7.08
C THR A 29 -3.73 5.22 6.83
N THR A 30 -4.75 5.47 7.63
CA THR A 30 -5.50 6.71 7.65
C THR A 30 -4.59 7.94 7.77
N ASP A 31 -3.66 7.90 8.73
CA ASP A 31 -2.75 9.02 8.98
C ASP A 31 -1.91 9.30 7.74
N LEU A 32 -1.24 8.24 7.25
CA LEU A 32 -0.29 8.36 6.15
C LEU A 32 -0.99 8.78 4.88
N PHE A 33 -2.08 8.08 4.55
CA PHE A 33 -2.85 8.35 3.34
C PHE A 33 -3.31 9.81 3.30
N SER A 34 -3.88 10.30 4.40
CA SER A 34 -4.36 11.69 4.44
C SER A 34 -3.23 12.67 4.19
N LEU A 35 -2.10 12.45 4.84
CA LEU A 35 -0.98 13.37 4.76
C LEU A 35 -0.43 13.43 3.35
N VAL A 36 -0.31 12.27 2.70
CA VAL A 36 0.22 12.18 1.33
C VAL A 36 -0.79 12.80 0.36
N ALA A 37 -2.07 12.54 0.59
CA ALA A 37 -3.14 13.07 -0.25
C ALA A 37 -3.10 14.58 -0.37
N GLN A 38 -2.87 15.29 0.73
CA GLN A 38 -2.85 16.76 0.67
C GLN A 38 -1.50 17.36 0.27
N THR A 39 -0.44 16.59 0.50
CA THR A 39 0.93 16.96 0.13
C THR A 39 1.18 16.82 -1.36
N SER A 40 0.57 15.82 -2.00
CA SER A 40 0.98 15.44 -3.36
C SER A 40 0.12 16.00 -4.49
N THR A 41 0.73 16.11 -5.67
CA THR A 41 0.15 16.74 -6.85
C THR A 41 -0.20 15.77 -7.95
N SER A 42 0.30 14.54 -7.85
CA SER A 42 0.06 13.52 -8.87
C SER A 42 -1.43 13.19 -9.00
N SER A 43 -1.82 12.83 -10.21
CA SER A 43 -3.21 12.56 -10.54
C SER A 43 -3.80 11.46 -9.65
N ASN A 44 -3.07 10.35 -9.53
CA ASN A 44 -3.52 9.21 -8.75
C ASN A 44 -2.62 9.02 -7.54
N LEU A 45 -3.07 8.24 -6.56
CA LEU A 45 -2.23 7.86 -5.44
C LEU A 45 -2.29 6.37 -5.23
N VAL A 46 -1.14 5.77 -4.90
CA VAL A 46 -1.09 4.38 -4.46
C VAL A 46 0.00 4.19 -3.41
N LEU A 47 -0.44 3.72 -2.23
CA LEU A 47 0.42 3.54 -1.09
C LEU A 47 0.14 2.21 -0.42
N SER A 48 1.17 1.62 0.17
CA SER A 48 0.96 0.50 1.08
C SER A 48 1.49 0.89 2.44
N PRO A 49 0.64 1.54 3.26
CA PRO A 49 1.10 1.93 4.59
C PRO A 49 1.54 0.74 5.44
N LEU A 50 0.99 -0.44 5.16
CA LEU A 50 1.46 -1.67 5.78
C LEU A 50 2.94 -1.93 5.50
N SER A 51 3.29 -1.87 4.21
CA SER A 51 4.65 -2.07 3.76
C SER A 51 5.61 -1.05 4.40
N VAL A 52 5.16 0.19 4.51
CA VAL A 52 5.92 1.20 5.22
C VAL A 52 6.06 0.79 6.70
N ALA A 53 4.98 0.28 7.28
CA ALA A 53 5.03 -0.15 8.67
C ALA A 53 6.05 -1.28 8.85
N LEU A 54 6.02 -2.26 7.95
CA LEU A 54 7.00 -3.35 7.99
C LEU A 54 8.43 -2.82 7.90
N ALA A 55 8.66 -1.83 7.04
CA ALA A 55 9.98 -1.24 6.88
C ALA A 55 10.42 -0.54 8.15
N LEU A 56 9.54 0.28 8.74
CA LEU A 56 9.82 0.93 10.02
C LEU A 56 10.06 -0.07 11.16
N SER A 57 9.53 -1.28 11.04
CA SER A 57 9.77 -2.29 12.05
C SER A 57 11.22 -2.81 12.00
N HIS A 58 11.86 -2.70 10.82
CA HIS A 58 13.30 -2.92 10.69
C HIS A 58 14.03 -1.97 11.62
N LEU A 59 13.65 -0.70 11.58
CA LEU A 59 14.29 0.30 12.45
C LEU A 59 13.98 0.00 13.92
N ALA A 60 12.73 -0.33 14.20
CA ALA A 60 12.29 -0.66 15.54
C ALA A 60 13.11 -1.79 16.14
N LEU A 61 13.48 -2.75 15.31
CA LEU A 61 14.27 -3.90 15.76
C LEU A 61 15.60 -3.45 16.34
N GLY A 62 16.10 -2.32 15.84
CA GLY A 62 17.37 -1.80 16.29
C GLY A 62 17.26 -0.50 17.05
N ALA A 63 16.03 -0.05 17.28
CA ALA A 63 15.77 1.22 17.97
C ALA A 63 15.81 1.02 19.47
N GLN A 64 16.12 2.11 20.19
CA GLN A 64 16.07 2.12 21.64
C GLN A 64 15.47 3.41 22.19
N ASN A 65 15.11 3.37 23.48
CA ASN A 65 14.64 4.54 24.22
C ASN A 65 13.59 5.33 23.45
N GLN A 66 13.74 6.65 23.38
CA GLN A 66 12.70 7.52 22.80
C GLN A 66 12.46 7.28 21.30
N THR A 67 13.49 6.87 20.58
CA THR A 67 13.35 6.48 19.17
C THR A 67 12.40 5.29 19.08
N LEU A 68 12.66 4.26 19.87
CA LEU A 68 11.76 3.11 19.90
C LEU A 68 10.34 3.56 20.23
N HIS A 69 10.19 4.35 21.30
CA HIS A 69 8.90 4.87 21.72
C HIS A 69 8.16 5.58 20.58
N SER A 70 8.86 6.47 19.88
CA SER A 70 8.27 7.25 18.79
C SER A 70 7.78 6.38 17.65
N LEU A 71 8.53 5.31 17.35
CA LEU A 71 8.12 4.35 16.33
C LEU A 71 6.81 3.64 16.71
N HIS A 72 6.70 3.24 17.97
CA HIS A 72 5.47 2.65 18.46
C HIS A 72 4.33 3.65 18.39
N ARG A 73 4.60 4.88 18.82
CA ARG A 73 3.58 5.91 18.92
C ARG A 73 3.00 6.23 17.54
N VAL A 74 3.87 6.38 16.55
CA VAL A 74 3.47 6.78 15.19
C VAL A 74 2.68 5.68 14.49
N LEU A 75 3.05 4.43 14.76
CA LEU A 75 2.35 3.27 14.20
C LEU A 75 1.19 2.81 15.06
N HIS A 76 0.81 3.63 16.05
CA HIS A 76 -0.32 3.36 16.95
C HIS A 76 -0.26 1.97 17.58
N MET A 77 0.95 1.49 17.82
CA MET A 77 1.16 0.17 18.36
C MET A 77 1.38 0.24 19.85
N ASN A 78 0.68 -0.62 20.58
CA ASN A 78 0.92 -0.82 22.00
C ASN A 78 2.39 -1.15 22.29
N THR A 79 2.99 -0.48 23.27
CA THR A 79 4.42 -0.67 23.55
C THR A 79 4.73 -1.98 24.27
N GLY A 80 3.69 -2.74 24.61
CA GLY A 80 3.85 -4.08 25.17
C GLY A 80 4.10 -5.13 24.12
N SER A 81 3.74 -4.84 22.87
CA SER A 81 3.94 -5.76 21.76
C SER A 81 5.25 -5.47 21.02
N CYS A 82 5.72 -6.47 20.27
CA CYS A 82 6.97 -6.37 19.50
C CYS A 82 6.68 -6.14 18.02
N LEU A 83 6.96 -4.92 17.56
CA LEU A 83 6.69 -4.50 16.18
C LEU A 83 7.26 -5.42 15.10
N PRO A 84 8.58 -5.71 15.13
CA PRO A 84 9.14 -6.58 14.10
C PRO A 84 8.44 -7.94 14.05
N HIS A 85 8.29 -8.61 15.20
CA HIS A 85 7.64 -9.91 15.27
C HIS A 85 6.20 -9.87 14.75
N LEU A 86 5.38 -9.00 15.32
CA LEU A 86 4.00 -8.84 14.85
C LEU A 86 3.90 -8.65 13.34
N LEU A 87 4.57 -7.61 12.83
CA LEU A 87 4.47 -7.24 11.42
C LEU A 87 5.04 -8.29 10.50
N SER A 88 6.21 -8.81 10.87
CA SER A 88 6.86 -9.86 10.10
C SER A 88 5.97 -11.10 10.00
N HIS A 89 5.49 -11.57 11.16
CA HIS A 89 4.62 -12.74 11.21
C HIS A 89 3.35 -12.55 10.38
N PHE A 90 2.75 -11.36 10.46
CA PHE A 90 1.54 -11.06 9.69
C PHE A 90 1.79 -11.18 8.19
N TYR A 91 2.88 -10.55 7.74
CA TYR A 91 3.25 -10.61 6.33
C TYR A 91 3.60 -12.02 5.84
N GLN A 92 4.40 -12.75 6.62
CA GLN A 92 4.83 -14.08 6.23
C GLN A 92 3.67 -15.05 6.04
N ASN A 93 2.58 -14.80 6.77
CA ASN A 93 1.41 -15.68 6.73
C ASN A 93 0.33 -15.29 5.73
N LEU A 94 0.60 -14.30 4.87
CA LEU A 94 -0.37 -13.82 3.87
C LEU A 94 -0.71 -14.82 2.74
N GLY A 95 0.15 -15.81 2.54
CA GLY A 95 -0.03 -16.73 1.41
C GLY A 95 0.51 -16.12 0.14
N PRO A 96 1.34 -16.87 -0.60
CA PRO A 96 2.23 -16.28 -1.59
C PRO A 96 1.53 -15.95 -2.91
N GLY A 97 2.25 -15.31 -3.83
CA GLY A 97 1.81 -15.17 -5.21
C GLY A 97 0.95 -13.98 -5.56
N THR A 98 0.71 -13.09 -4.61
CA THR A 98 -0.12 -11.92 -4.89
C THR A 98 0.60 -10.62 -4.53
N ILE A 99 1.25 -10.61 -3.37
CA ILE A 99 2.06 -9.48 -2.93
C ILE A 99 3.54 -9.84 -2.98
N ARG A 100 4.32 -9.08 -3.75
CA ARG A 100 5.78 -9.17 -3.71
C ARG A 100 6.31 -7.94 -2.99
N LEU A 101 7.15 -8.15 -1.99
CA LEU A 101 7.59 -7.08 -1.12
C LEU A 101 9.10 -7.09 -0.93
N ALA A 102 9.70 -5.90 -1.00
CA ALA A 102 11.14 -5.73 -0.82
C ALA A 102 11.42 -4.68 0.25
N ALA A 103 12.03 -5.10 1.35
CA ALA A 103 12.43 -4.19 2.43
C ALA A 103 13.86 -4.50 2.88
N ARG A 104 14.73 -3.51 2.74
CA ARG A 104 16.14 -3.69 3.11
C ARG A 104 16.72 -2.42 3.70
N ILE A 105 17.63 -2.59 4.65
CA ILE A 105 18.41 -1.48 5.18
C ILE A 105 19.77 -1.49 4.50
N TYR A 106 20.14 -0.37 3.90
CA TYR A 106 21.49 -0.21 3.36
C TYR A 106 22.29 0.78 4.20
N LEU A 107 23.52 0.42 4.55
CA LEU A 107 24.38 1.24 5.39
C LEU A 107 25.69 1.65 4.72
N GLN A 108 26.15 2.86 5.03
CA GLN A 108 27.45 3.35 4.56
C GLN A 108 28.61 2.45 4.99
N LYS A 109 29.71 2.52 4.22
CA LYS A 109 30.88 1.64 4.36
C LYS A 109 31.52 1.59 5.75
N GLY A 110 31.63 2.75 6.40
CA GLY A 110 32.34 2.85 7.67
C GLY A 110 31.57 2.49 8.93
N PHE A 111 30.40 1.89 8.76
CA PHE A 111 29.51 1.56 9.89
C PHE A 111 29.43 0.07 10.21
N PRO A 112 30.01 -0.34 11.36
CA PRO A 112 29.93 -1.73 11.81
C PRO A 112 28.51 -2.07 12.28
N ILE A 113 28.05 -3.27 11.96
CA ILE A 113 26.72 -3.72 12.34
C ILE A 113 26.82 -4.78 13.43
N LYS A 114 25.93 -4.69 14.42
CA LYS A 114 25.89 -5.66 15.51
C LYS A 114 25.41 -7.02 15.01
N ASP A 115 26.15 -8.06 15.38
CA ASP A 115 25.87 -9.43 14.94
C ASP A 115 24.43 -9.84 15.29
N ASP A 116 23.98 -9.43 16.47
CA ASP A 116 22.63 -9.69 16.94
C ASP A 116 21.57 -9.14 15.98
N PHE A 117 21.84 -7.96 15.43
CA PHE A 117 20.93 -7.29 14.50
C PHE A 117 20.90 -7.96 13.11
N LEU A 118 22.05 -8.48 12.67
CA LEU A 118 22.13 -9.26 11.43
C LEU A 118 21.32 -10.54 11.53
N GLU A 119 21.53 -11.29 12.62
CA GLU A 119 20.80 -12.53 12.87
C GLU A 119 19.30 -12.30 13.00
N GLN A 120 18.91 -11.24 13.72
CA GLN A 120 17.50 -10.93 13.89
C GLN A 120 16.87 -10.48 12.58
N SER A 121 17.56 -9.63 11.83
CA SER A 121 17.06 -9.20 10.52
C SER A 121 16.88 -10.39 9.59
N GLU A 122 17.83 -11.32 9.65
CA GLU A 122 17.76 -12.58 8.92
C GLU A 122 16.52 -13.40 9.26
N ARG A 123 16.31 -13.63 10.55
CA ARG A 123 15.22 -14.48 11.06
C ARG A 123 13.84 -13.94 10.69
N LEU A 124 13.67 -12.62 10.79
CA LEU A 124 12.36 -11.99 10.66
C LEU A 124 12.10 -11.41 9.28
N PHE A 125 13.16 -11.05 8.56
CA PHE A 125 12.98 -10.34 7.28
C PHE A 125 13.58 -11.03 6.05
N GLY A 126 14.11 -12.24 6.25
CA GLY A 126 14.60 -13.08 5.16
C GLY A 126 15.98 -12.72 4.60
N ALA A 127 16.53 -11.61 5.07
CA ALA A 127 17.82 -11.08 4.58
C ALA A 127 18.46 -10.09 5.55
N LYS A 128 19.79 -10.03 5.53
CA LYS A 128 20.56 -9.13 6.38
C LYS A 128 20.77 -7.77 5.68
N PRO A 129 20.94 -6.69 6.46
CA PRO A 129 21.24 -5.38 5.88
C PRO A 129 22.60 -5.34 5.18
N VAL A 130 22.71 -4.52 4.13
CA VAL A 130 23.92 -4.48 3.29
C VAL A 130 24.76 -3.24 3.57
N LYS A 131 26.08 -3.39 3.48
CA LYS A 131 27.00 -2.25 3.56
C LYS A 131 27.36 -1.74 2.17
N LEU A 132 27.16 -0.44 1.95
CA LEU A 132 27.42 0.22 0.68
C LEU A 132 28.93 0.29 0.37
N THR A 133 29.26 0.06 -0.90
CA THR A 133 30.66 0.04 -1.34
C THR A 133 31.29 1.43 -1.30
N GLY A 134 30.48 2.46 -1.51
CA GLY A 134 30.95 3.84 -1.52
C GLY A 134 31.21 4.39 -2.91
N LYS A 135 30.51 3.86 -3.90
CA LYS A 135 30.59 4.34 -5.27
C LYS A 135 29.19 4.37 -5.90
N GLN A 136 28.71 5.57 -6.18
CA GLN A 136 27.34 5.81 -6.67
C GLN A 136 26.92 4.87 -7.80
N GLU A 137 27.85 4.57 -8.71
CA GLU A 137 27.58 3.73 -9.88
C GLU A 137 27.29 2.27 -9.52
N GLU A 138 28.21 1.66 -8.78
CA GLU A 138 28.15 0.24 -8.41
C GLU A 138 27.02 -0.06 -7.43
N ASP A 139 26.81 0.83 -6.46
CA ASP A 139 25.77 0.63 -5.44
C ASP A 139 24.36 0.69 -5.99
N LEU A 140 24.12 1.63 -6.91
CA LEU A 140 22.80 1.79 -7.53
C LEU A 140 22.34 0.53 -8.27
N ALA A 141 23.25 -0.08 -9.03
CA ALA A 141 22.95 -1.30 -9.79
C ALA A 141 22.69 -2.50 -8.88
N ASN A 142 23.48 -2.63 -7.82
CA ASN A 142 23.31 -3.70 -6.84
C ASN A 142 21.96 -3.65 -6.15
N ILE A 143 21.53 -2.46 -5.76
CA ILE A 143 20.23 -2.24 -5.12
C ILE A 143 19.10 -2.68 -6.05
N ASN A 144 19.08 -2.10 -7.26
CA ASN A 144 18.04 -2.37 -8.24
C ASN A 144 17.95 -3.84 -8.59
N GLN A 145 19.10 -4.48 -8.77
CA GLN A 145 19.16 -5.92 -8.99
C GLN A 145 18.45 -6.70 -7.88
N TRP A 146 18.78 -6.38 -6.62
CA TRP A 146 18.19 -7.10 -5.48
C TRP A 146 16.69 -6.89 -5.36
N VAL A 147 16.24 -5.66 -5.63
CA VAL A 147 14.80 -5.35 -5.64
C VAL A 147 14.10 -6.03 -6.84
N LYS A 148 14.81 -6.14 -7.96
CA LYS A 148 14.32 -6.92 -9.10
C LYS A 148 14.12 -8.39 -8.71
N GLU A 149 15.07 -8.94 -7.96
CA GLU A 149 15.04 -10.34 -7.51
C GLU A 149 13.97 -10.63 -6.45
N ALA A 150 13.79 -9.72 -5.51
CA ALA A 150 12.91 -9.94 -4.36
C ALA A 150 11.43 -9.68 -4.66
N THR A 151 11.17 -9.00 -5.77
CA THR A 151 9.80 -8.80 -6.26
C THR A 151 9.54 -9.78 -7.41
N GLU A 152 10.54 -10.61 -7.69
CA GLU A 152 10.51 -11.65 -8.74
C GLU A 152 10.19 -11.10 -10.14
N GLY A 153 10.97 -10.10 -10.55
CA GLY A 153 10.85 -9.49 -11.87
C GLY A 153 10.02 -8.22 -11.89
N LYS A 154 8.99 -8.18 -11.06
CA LYS A 154 7.94 -7.15 -11.12
C LYS A 154 8.43 -5.70 -11.04
N ILE A 155 9.38 -5.43 -10.16
CA ILE A 155 9.87 -4.05 -9.95
C ILE A 155 11.33 -3.87 -10.37
N GLU A 156 11.51 -3.07 -11.43
CA GLU A 156 12.81 -2.83 -12.06
C GLU A 156 13.20 -1.36 -11.95
N ASP A 157 14.51 -1.12 -11.81
CA ASP A 157 15.08 0.25 -11.76
C ASP A 157 14.48 1.10 -10.64
N PHE A 158 14.54 0.57 -9.42
CA PHE A 158 13.95 1.19 -8.25
C PHE A 158 14.42 2.65 -7.99
N LEU A 159 15.72 2.84 -7.84
CA LEU A 159 16.31 4.19 -7.81
C LEU A 159 17.23 4.32 -9.03
N SER A 160 17.25 5.43 -9.77
CA SER A 160 16.62 6.75 -9.52
C SER A 160 17.75 7.74 -9.32
N GLU A 161 18.54 7.52 -8.27
CA GLU A 161 19.76 8.28 -7.95
C GLU A 161 20.18 7.96 -6.51
N LEU A 162 21.41 8.35 -6.16
CA LEU A 162 21.96 8.07 -4.83
C LEU A 162 23.10 9.03 -4.46
N PRO A 163 22.94 9.78 -3.34
CA PRO A 163 24.00 10.66 -2.84
C PRO A 163 24.98 9.87 -1.95
N ASP A 164 25.93 10.55 -1.31
CA ASP A 164 26.86 9.87 -0.38
C ASP A 164 27.72 10.75 0.56
N SER A 165 27.19 11.47 1.55
CA SER A 165 25.78 11.91 1.73
C SER A 165 24.70 10.84 2.03
N THR A 166 25.13 9.65 2.42
CA THR A 166 24.19 8.58 2.75
C THR A 166 24.72 7.84 3.97
N VAL A 167 23.86 7.69 4.98
CA VAL A 167 24.23 6.98 6.19
C VAL A 167 23.39 5.71 6.28
N LEU A 168 22.12 5.87 6.60
CA LEU A 168 21.19 4.74 6.57
C LEU A 168 20.12 5.00 5.52
N LEU A 169 20.00 4.07 4.59
CA LEU A 169 18.97 4.10 3.56
C LEU A 169 18.01 2.95 3.83
N LEU A 170 16.71 3.27 3.96
CA LEU A 170 15.67 2.26 4.15
C LEU A 170 14.83 2.17 2.87
N LEU A 171 14.95 1.04 2.17
CA LEU A 171 14.26 0.83 0.89
C LEU A 171 13.05 -0.06 1.06
N ASN A 172 12.00 0.27 0.33
CA ASN A 172 10.74 -0.43 0.43
C ASN A 172 10.01 -0.36 -0.90
N ALA A 173 9.89 -1.49 -1.59
CA ALA A 173 9.11 -1.57 -2.83
C ALA A 173 8.11 -2.69 -2.69
N ILE A 174 6.88 -2.47 -3.17
CA ILE A 174 5.86 -3.50 -3.08
C ILE A 174 5.03 -3.59 -4.36
N HIS A 175 4.78 -4.83 -4.79
CA HIS A 175 3.98 -5.04 -5.98
C HIS A 175 2.74 -5.88 -5.70
N PHE A 176 1.60 -5.42 -6.18
CA PHE A 176 0.37 -6.17 -6.00
C PHE A 176 -0.33 -6.46 -7.31
N HIS A 177 -0.60 -7.74 -7.53
CA HIS A 177 -1.50 -8.18 -8.59
C HIS A 177 -2.18 -9.46 -8.12
N GLY A 178 -3.50 -9.39 -7.98
CA GLY A 178 -4.27 -10.47 -7.36
C GLY A 178 -5.17 -11.22 -8.31
N PHE A 179 -5.82 -12.26 -7.79
CA PHE A 179 -6.73 -13.11 -8.57
C PHE A 179 -8.13 -13.04 -7.98
N TRP A 180 -9.08 -12.54 -8.77
CA TRP A 180 -10.47 -12.46 -8.33
C TRP A 180 -11.02 -13.80 -7.89
N ARG A 181 -11.84 -13.82 -6.86
CA ARG A 181 -12.60 -15.00 -6.52
C ARG A 181 -13.46 -15.37 -7.75
N THR A 182 -14.03 -14.35 -8.39
CA THR A 182 -14.76 -14.48 -9.65
C THR A 182 -14.11 -13.63 -10.75
N LYS A 183 -13.57 -14.30 -11.77
CA LYS A 183 -12.82 -13.61 -12.82
C LYS A 183 -13.71 -12.77 -13.72
N PHE A 184 -13.10 -11.83 -14.43
CA PHE A 184 -13.76 -11.14 -15.52
C PHE A 184 -13.39 -11.81 -16.84
N ASP A 185 -14.35 -11.86 -17.76
CA ASP A 185 -14.14 -12.41 -19.09
C ASP A 185 -13.41 -11.37 -19.96
N PRO A 186 -12.11 -11.59 -20.25
CA PRO A 186 -11.32 -10.56 -20.95
C PRO A 186 -11.83 -10.23 -22.35
N SER A 187 -12.66 -11.10 -22.93
CA SER A 187 -13.29 -10.83 -24.24
C SER A 187 -14.36 -9.75 -24.15
N LEU A 188 -14.77 -9.42 -22.93
CA LEU A 188 -15.81 -8.43 -22.70
C LEU A 188 -15.27 -7.05 -22.37
N THR A 189 -13.96 -6.95 -22.12
CA THR A 189 -13.33 -5.65 -21.84
C THR A 189 -13.35 -4.77 -23.11
N GLN A 190 -13.71 -3.50 -22.96
CA GLN A 190 -13.84 -2.56 -24.08
C GLN A 190 -13.27 -1.21 -23.66
N LYS A 191 -12.79 -0.43 -24.63
CA LYS A 191 -12.50 0.98 -24.36
C LYS A 191 -13.82 1.65 -24.04
N ASP A 192 -13.86 2.36 -22.92
CA ASP A 192 -15.07 3.01 -22.50
C ASP A 192 -14.71 4.31 -21.79
N PHE A 193 -15.75 5.13 -21.55
CA PHE A 193 -15.57 6.45 -20.96
C PHE A 193 -15.38 6.40 -19.46
N PHE A 194 -14.37 7.10 -18.99
CA PHE A 194 -14.20 7.36 -17.57
C PHE A 194 -14.28 8.87 -17.38
N HIS A 195 -15.16 9.33 -16.50
CA HIS A 195 -15.43 10.76 -16.37
C HIS A 195 -14.45 11.45 -15.42
N LEU A 196 -13.55 12.26 -15.97
CA LEU A 196 -12.59 13.00 -15.14
C LEU A 196 -13.34 14.02 -14.30
N ASP A 197 -14.34 14.64 -14.92
CA ASP A 197 -15.28 15.53 -14.23
C ASP A 197 -16.61 15.61 -14.98
N GLU A 198 -17.39 16.68 -14.81
CA GLU A 198 -18.69 16.78 -15.48
C GLU A 198 -18.55 16.85 -17.01
N ARG A 199 -17.48 17.48 -17.49
CA ARG A 199 -17.32 17.82 -18.91
C ARG A 199 -16.30 16.97 -19.67
N PHE A 200 -15.35 16.39 -18.96
CA PHE A 200 -14.22 15.72 -19.61
C PHE A 200 -14.16 14.23 -19.32
N THR A 201 -13.86 13.46 -20.37
CA THR A 201 -13.67 12.04 -20.20
C THR A 201 -12.29 11.61 -20.68
N VAL A 202 -11.91 10.43 -20.24
CA VAL A 202 -10.71 9.77 -20.71
C VAL A 202 -11.15 8.34 -21.10
N SER A 203 -10.43 7.69 -22.00
CA SER A 203 -10.82 6.33 -22.36
C SER A 203 -10.09 5.32 -21.52
N VAL A 204 -10.80 4.32 -21.02
CA VAL A 204 -10.15 3.28 -20.25
C VAL A 204 -10.60 1.91 -20.72
N ASP A 205 -9.77 0.90 -20.50
CA ASP A 205 -10.16 -0.48 -20.72
C ASP A 205 -11.11 -0.85 -19.58
N MET A 206 -12.39 -0.96 -19.92
CA MET A 206 -13.41 -1.26 -18.93
C MET A 206 -13.72 -2.76 -18.88
N MET A 207 -13.34 -3.43 -17.79
CA MET A 207 -13.72 -4.83 -17.58
C MET A 207 -15.22 -4.92 -17.38
N HIS A 208 -15.81 -6.04 -17.79
CA HIS A 208 -17.26 -6.18 -17.73
C HIS A 208 -17.74 -7.57 -17.36
N ALA A 209 -18.75 -7.59 -16.49
CA ALA A 209 -19.48 -8.81 -16.15
C ALA A 209 -20.97 -8.52 -16.30
N VAL A 210 -21.70 -9.44 -16.92
CA VAL A 210 -23.13 -9.22 -17.09
C VAL A 210 -23.87 -9.50 -15.78
N SER A 211 -23.35 -10.44 -14.97
CA SER A 211 -24.04 -10.90 -13.79
C SER A 211 -23.09 -11.32 -12.67
N TYR A 212 -22.38 -10.35 -12.10
CA TYR A 212 -21.32 -10.59 -11.14
C TYR A 212 -21.89 -10.65 -9.72
N PRO A 213 -21.33 -11.52 -8.84
CA PRO A 213 -21.83 -11.49 -7.46
C PRO A 213 -21.19 -10.35 -6.69
N LEU A 214 -22.01 -9.39 -6.24
CA LEU A 214 -21.45 -8.18 -5.68
C LEU A 214 -22.13 -7.73 -4.40
N ARG A 215 -21.31 -7.43 -3.40
CA ARG A 215 -21.75 -6.80 -2.17
C ARG A 215 -21.50 -5.33 -2.39
N TRP A 216 -22.58 -4.59 -2.60
CA TRP A 216 -22.53 -3.17 -2.97
CA TRP A 216 -22.46 -3.17 -2.81
C TRP A 216 -23.63 -2.42 -2.22
N PHE A 217 -23.31 -1.24 -1.68
CA PHE A 217 -24.24 -0.49 -0.89
C PHE A 217 -23.90 0.99 -0.89
N LEU A 218 -24.74 1.78 -0.25
CA LEU A 218 -24.64 3.21 -0.27
C LEU A 218 -24.47 3.76 1.16
N LEU A 219 -23.61 4.76 1.30
CA LEU A 219 -23.64 5.64 2.48
C LEU A 219 -24.43 6.89 2.08
N GLU A 220 -25.68 6.94 2.52
CA GLU A 220 -26.67 7.95 2.06
C GLU A 220 -26.22 9.39 2.14
N GLN A 221 -26.10 9.92 3.36
CA GLN A 221 -25.81 11.35 3.58
C GLN A 221 -24.51 11.84 2.92
N PRO A 222 -23.40 11.09 3.06
CA PRO A 222 -22.18 11.52 2.37
C PRO A 222 -22.22 11.30 0.84
N GLU A 223 -23.23 10.56 0.36
CA GLU A 223 -23.39 10.22 -1.07
C GLU A 223 -22.21 9.40 -1.63
N ILE A 224 -21.93 8.27 -0.97
CA ILE A 224 -20.83 7.41 -1.40
C ILE A 224 -21.28 5.96 -1.62
N GLN A 225 -20.96 5.42 -2.79
CA GLN A 225 -21.21 4.01 -3.07
C GLN A 225 -19.98 3.22 -2.70
N VAL A 226 -20.20 2.02 -2.18
CA VAL A 226 -19.11 1.12 -1.78
C VAL A 226 -19.36 -0.27 -2.36
N ALA A 227 -18.34 -0.87 -2.98
CA ALA A 227 -18.45 -2.23 -3.53
C ALA A 227 -17.26 -3.03 -3.12
N HIS A 228 -17.49 -4.31 -2.83
CA HIS A 228 -16.43 -5.22 -2.42
C HIS A 228 -16.17 -6.26 -3.47
N PHE A 229 -14.92 -6.32 -3.95
CA PHE A 229 -14.52 -7.32 -4.94
C PHE A 229 -13.51 -8.30 -4.34
N PRO A 230 -13.97 -9.49 -3.92
CA PRO A 230 -13.09 -10.45 -3.26
C PRO A 230 -11.99 -11.04 -4.16
N PHE A 231 -10.77 -11.07 -3.61
CA PHE A 231 -9.66 -11.80 -4.21
C PHE A 231 -9.63 -13.22 -3.65
N LYS A 232 -8.79 -14.05 -4.25
CA LYS A 232 -8.70 -15.43 -3.89
C LYS A 232 -8.22 -15.62 -2.45
N ASN A 233 -7.08 -15.02 -2.09
CA ASN A 233 -6.41 -15.41 -0.84
C ASN A 233 -6.77 -14.58 0.40
N ASN A 234 -8.05 -14.54 0.74
CA ASN A 234 -8.55 -13.77 1.86
C ASN A 234 -8.21 -12.26 1.77
N MET A 235 -8.33 -11.72 0.56
CA MET A 235 -8.14 -10.30 0.32
C MET A 235 -9.34 -9.74 -0.44
N SER A 236 -9.54 -8.43 -0.39
CA SER A 236 -10.65 -7.78 -1.08
C SER A 236 -10.22 -6.44 -1.64
N PHE A 237 -10.73 -6.12 -2.82
CA PHE A 237 -10.60 -4.79 -3.39
C PHE A 237 -11.91 -4.03 -3.11
N VAL A 238 -11.81 -2.98 -2.31
CA VAL A 238 -12.98 -2.19 -1.90
C VAL A 238 -12.98 -0.83 -2.56
N VAL A 239 -13.97 -0.62 -3.44
CA VAL A 239 -14.16 0.63 -4.18
C VAL A 239 -15.02 1.59 -3.36
N VAL A 240 -14.53 2.82 -3.23
CA VAL A 240 -15.24 3.85 -2.48
C VAL A 240 -15.43 5.06 -3.40
N MET A 241 -16.61 5.16 -3.98
CA MET A 241 -16.86 6.08 -5.08
C MET A 241 -17.96 7.10 -4.74
N PRO A 242 -17.57 8.33 -4.42
CA PRO A 242 -18.59 9.35 -4.18
C PRO A 242 -19.34 9.62 -5.47
N THR A 243 -20.62 9.96 -5.36
CA THR A 243 -21.44 10.19 -6.54
C THR A 243 -21.42 11.65 -6.99
N TYR A 244 -20.45 12.40 -6.50
CA TYR A 244 -20.23 13.80 -6.87
C TYR A 244 -18.70 13.99 -7.09
N PHE A 245 -18.31 14.99 -7.87
CA PHE A 245 -16.91 15.12 -8.29
C PHE A 245 -15.97 15.82 -7.30
N GLU A 246 -16.43 16.91 -6.68
CA GLU A 246 -15.54 17.69 -5.82
C GLU A 246 -15.40 17.13 -4.39
N TRP A 247 -14.45 16.21 -4.23
CA TRP A 247 -14.13 15.68 -2.91
C TRP A 247 -12.63 15.52 -2.73
N ASN A 248 -12.19 15.41 -1.48
CA ASN A 248 -10.80 15.08 -1.19
C ASN A 248 -10.69 13.87 -0.28
N VAL A 249 -9.51 13.26 -0.27
CA VAL A 249 -9.28 12.01 0.44
C VAL A 249 -9.66 12.09 1.92
N SER A 250 -9.31 13.20 2.56
CA SER A 250 -9.58 13.34 3.99
C SER A 250 -11.05 13.39 4.35
N GLU A 251 -11.85 14.14 3.58
CA GLU A 251 -13.27 14.22 3.87
C GLU A 251 -14.00 12.90 3.59
N VAL A 252 -13.53 12.15 2.60
CA VAL A 252 -14.13 10.86 2.30
C VAL A 252 -13.83 9.86 3.41
N LEU A 253 -12.55 9.73 3.77
CA LEU A 253 -12.14 8.90 4.90
C LEU A 253 -12.98 9.15 6.16
N ALA A 254 -13.23 10.42 6.46
CA ALA A 254 -14.00 10.84 7.64
C ALA A 254 -15.41 10.24 7.70
N ASN A 255 -15.94 9.84 6.56
CA ASN A 255 -17.26 9.25 6.46
C ASN A 255 -17.27 7.72 6.51
N LEU A 256 -16.09 7.12 6.54
CA LEU A 256 -15.97 5.66 6.49
C LEU A 256 -15.97 5.03 7.87
N THR A 257 -16.56 3.84 7.97
CA THR A 257 -16.54 3.07 9.20
C THR A 257 -15.81 1.76 8.98
N TRP A 258 -15.67 0.96 10.04
CA TRP A 258 -15.00 -0.33 9.94
C TRP A 258 -15.77 -1.33 9.12
N ASP A 259 -17.09 -1.36 9.30
CA ASP A 259 -17.91 -2.33 8.58
C ASP A 259 -18.20 -1.87 7.15
N THR A 260 -17.74 -0.66 6.82
CA THR A 260 -17.70 -0.20 5.44
C THR A 260 -16.63 -0.99 4.71
N LEU A 261 -15.49 -1.17 5.38
CA LEU A 261 -14.35 -1.83 4.77
C LEU A 261 -14.23 -3.33 5.06
N TYR A 262 -14.81 -3.76 6.18
CA TYR A 262 -14.52 -5.08 6.73
C TYR A 262 -15.77 -5.88 7.06
N HIS A 263 -15.92 -7.02 6.37
CA HIS A 263 -17.04 -7.95 6.51
C HIS A 263 -18.43 -7.31 6.45
N PRO A 264 -18.80 -6.70 5.31
CA PRO A 264 -20.21 -6.27 5.16
C PRO A 264 -21.17 -7.46 5.20
N SER A 265 -22.15 -7.40 6.10
CA SER A 265 -23.08 -8.52 6.32
C SER A 265 -24.02 -8.74 5.14
N LEU A 266 -24.23 -7.68 4.36
CA LEU A 266 -25.02 -7.68 3.14
C LEU A 266 -24.77 -8.88 2.22
N GLN A 267 -25.84 -9.57 1.83
CA GLN A 267 -25.74 -10.64 0.85
C GLN A 267 -25.26 -10.12 -0.51
N GLU A 268 -24.46 -10.93 -1.19
CA GLU A 268 -24.10 -10.69 -2.60
C GLU A 268 -25.34 -10.69 -3.46
N ARG A 269 -25.27 -10.00 -4.58
CA ARG A 269 -26.42 -9.86 -5.44
C ARG A 269 -25.89 -9.73 -6.86
N PRO A 270 -26.51 -10.45 -7.81
CA PRO A 270 -26.16 -10.33 -9.22
C PRO A 270 -26.26 -8.88 -9.70
N THR A 271 -25.15 -8.38 -10.24
CA THR A 271 -25.02 -6.99 -10.61
C THR A 271 -24.27 -6.92 -11.93
N LYS A 272 -24.77 -6.13 -12.87
CA LYS A 272 -23.98 -5.75 -14.05
C LYS A 272 -22.84 -4.85 -13.56
N VAL A 273 -21.62 -5.20 -13.95
CA VAL A 273 -20.44 -4.51 -13.46
C VAL A 273 -19.54 -3.99 -14.57
N TRP A 274 -19.06 -2.77 -14.38
CA TRP A 274 -18.01 -2.18 -15.18
C TRP A 274 -16.93 -1.67 -14.23
N LEU A 275 -15.71 -2.19 -14.39
CA LEU A 275 -14.59 -1.86 -13.51
C LEU A 275 -13.33 -1.72 -14.36
N PRO A 276 -12.67 -0.55 -14.28
CA PRO A 276 -11.48 -0.28 -15.10
C PRO A 276 -10.29 -1.17 -14.78
N LYS A 277 -9.55 -1.59 -15.80
CA LYS A 277 -8.21 -2.14 -15.58
C LYS A 277 -7.36 -1.01 -15.02
N LEU A 278 -6.42 -1.35 -14.17
CA LEU A 278 -5.58 -0.35 -13.55
C LEU A 278 -4.12 -0.77 -13.54
N HIS A 279 -3.24 0.19 -13.80
CA HIS A 279 -1.83 0.00 -13.54
C HIS A 279 -1.31 1.27 -12.88
N LEU A 280 -1.26 1.23 -11.55
CA LEU A 280 -0.87 2.39 -10.75
C LEU A 280 0.47 2.19 -10.10
N GLN A 281 1.28 3.25 -10.08
CA GLN A 281 2.64 3.19 -9.55
C GLN A 281 3.05 4.54 -8.99
N GLN A 282 3.41 4.55 -7.71
CA GLN A 282 3.94 5.73 -7.05
C GLN A 282 5.23 5.42 -6.30
N GLN A 283 6.24 6.24 -6.55
CA GLN A 283 7.48 6.23 -5.79
C GLN A 283 7.56 7.54 -5.02
N LEU A 284 8.09 7.47 -3.81
CA LEU A 284 7.95 8.53 -2.83
C LEU A 284 9.05 8.48 -1.78
N ASP A 285 9.67 9.63 -1.50
CA ASP A 285 10.57 9.76 -0.36
C ASP A 285 9.73 10.15 0.85
N LEU A 286 9.74 9.31 1.88
CA LEU A 286 8.87 9.53 3.02
C LEU A 286 9.50 10.33 4.18
N VAL A 287 10.72 10.83 3.98
CA VAL A 287 11.38 11.62 5.03
C VAL A 287 10.47 12.78 5.50
N ALA A 288 10.03 13.63 4.57
CA ALA A 288 9.14 14.75 4.89
C ALA A 288 7.83 14.29 5.53
N THR A 289 7.19 13.29 4.95
CA THR A 289 5.92 12.79 5.44
C THR A 289 6.03 12.19 6.84
N LEU A 290 7.03 11.34 7.04
CA LEU A 290 7.25 10.71 8.35
C LEU A 290 7.67 11.71 9.42
N SER A 291 8.42 12.75 9.01
CA SER A 291 8.79 13.81 9.95
C SER A 291 7.56 14.51 10.50
N GLN A 292 6.60 14.78 9.62
CA GLN A 292 5.36 15.47 9.97
C GLN A 292 4.47 14.61 10.88
N LEU A 293 4.56 13.29 10.72
CA LEU A 293 3.77 12.34 11.51
C LEU A 293 4.33 12.15 12.93
N GLY A 294 5.54 12.64 13.16
CA GLY A 294 6.16 12.61 14.47
C GLY A 294 7.53 11.96 14.55
N LEU A 295 8.10 11.59 13.41
CA LEU A 295 9.40 10.87 13.36
C LEU A 295 10.60 11.68 12.91
N GLN A 296 10.55 13.00 13.09
CA GLN A 296 11.62 13.88 12.63
C GLN A 296 13.01 13.56 13.20
N GLU A 297 13.04 13.03 14.43
CA GLU A 297 14.29 12.69 15.10
C GLU A 297 15.10 11.58 14.43
N LEU A 298 14.41 10.74 13.67
CA LEU A 298 15.06 9.71 12.86
C LEU A 298 16.05 10.29 11.85
N PHE A 299 15.79 11.53 11.44
CA PHE A 299 16.52 12.14 10.34
C PHE A 299 17.52 13.19 10.80
N GLN A 300 17.68 13.32 12.12
CA GLN A 300 18.68 14.22 12.68
C GLN A 300 19.58 13.58 13.73
N GLY A 301 19.01 12.74 14.61
CA GLY A 301 19.84 12.07 15.62
C GLY A 301 19.15 10.98 16.42
N PRO A 302 18.78 9.87 15.75
CA PRO A 302 18.05 8.80 16.45
C PRO A 302 18.92 7.97 17.37
N ASP A 303 18.28 7.16 18.22
CA ASP A 303 18.97 6.13 19.01
C ASP A 303 18.74 4.76 18.35
N LEU A 304 19.71 4.34 17.54
CA LEU A 304 19.61 3.07 16.83
C LEU A 304 20.77 2.18 17.24
N ARG A 305 21.09 2.20 18.52
CA ARG A 305 22.22 1.44 19.07
C ARG A 305 22.04 -0.07 18.92
N GLY A 306 20.83 -0.52 18.61
CA GLY A 306 20.62 -1.92 18.28
C GLY A 306 21.27 -2.34 16.97
N ILE A 307 21.47 -1.37 16.07
CA ILE A 307 22.08 -1.62 14.76
C ILE A 307 23.59 -1.43 14.81
N SER A 308 24.01 -0.29 15.35
CA SER A 308 25.42 0.07 15.45
C SER A 308 25.66 0.90 16.71
N GLU A 309 26.81 0.72 17.33
CA GLU A 309 27.10 1.39 18.61
C GLU A 309 27.25 2.91 18.48
N GLN A 310 27.58 3.36 17.28
CA GLN A 310 27.70 4.79 16.99
C GLN A 310 27.91 4.90 15.50
N ASN A 311 27.11 5.71 14.81
CA ASN A 311 26.17 6.69 15.34
C ASN A 311 25.29 7.07 14.14
N LEU A 312 24.12 6.44 14.05
CA LEU A 312 23.36 6.43 12.79
C LEU A 312 22.37 7.56 12.65
N VAL A 313 21.99 7.84 11.41
CA VAL A 313 20.88 8.74 11.10
C VAL A 313 20.18 8.19 9.86
N VAL A 314 18.85 8.32 9.79
CA VAL A 314 18.13 7.86 8.62
C VAL A 314 18.22 8.95 7.55
N SER A 315 18.82 8.58 6.41
CA SER A 315 19.10 9.55 5.36
C SER A 315 17.92 9.66 4.41
N SER A 316 17.28 8.52 4.16
CA SER A 316 16.22 8.44 3.18
C SER A 316 15.30 7.26 3.47
N VAL A 317 14.00 7.48 3.32
CA VAL A 317 13.06 6.37 3.33
C VAL A 317 12.34 6.33 1.99
N GLN A 318 12.76 5.40 1.13
CA GLN A 318 12.29 5.33 -0.24
C GLN A 318 11.22 4.25 -0.37
N HIS A 319 10.00 4.65 -0.74
CA HIS A 319 8.89 3.70 -0.88
C HIS A 319 8.26 3.72 -2.27
N GLN A 320 7.96 2.52 -2.78
CA GLN A 320 7.25 2.40 -4.03
C GLN A 320 6.14 1.37 -3.93
N SER A 321 4.96 1.74 -4.42
CA SER A 321 3.84 0.83 -4.54
C SER A 321 3.47 0.68 -6.00
N THR A 322 3.33 -0.55 -6.46
CA THR A 322 2.80 -0.79 -7.78
C THR A 322 1.60 -1.70 -7.64
N MET A 323 0.48 -1.28 -8.23
CA MET A 323 -0.73 -2.09 -8.19
C MET A 323 -1.38 -2.24 -9.55
N GLU A 324 -1.73 -3.48 -9.88
CA GLU A 324 -2.36 -3.78 -11.14
C GLU A 324 -3.73 -4.42 -10.88
N LEU A 325 -4.74 -3.94 -11.60
CA LEU A 325 -6.03 -4.60 -11.63
C LEU A 325 -6.26 -5.12 -13.04
N SER A 326 -6.60 -6.40 -13.15
CA SER A 326 -6.93 -7.00 -14.44
C SER A 326 -8.02 -8.07 -14.29
N GLU A 327 -8.33 -8.78 -15.37
CA GLU A 327 -9.39 -9.79 -15.42
C GLU A 327 -9.11 -11.10 -14.65
N ALA A 328 -7.82 -11.42 -14.42
CA ALA A 328 -7.43 -12.73 -13.89
C ALA A 328 -8.15 -13.14 -12.60
N GLY A 329 -8.69 -14.35 -12.59
CA GLY A 329 -9.42 -14.88 -11.44
C GLY A 329 -9.68 -16.39 -11.52
N VAL A 330 -10.23 -16.96 -10.46
CA VAL A 330 -10.34 -18.41 -10.35
C VAL A 330 -11.66 -18.98 -10.89
N GLU A 331 -12.77 -18.62 -10.25
CA GLU A 331 -14.07 -19.16 -10.62
C GLU A 331 -14.62 -18.47 -11.87
N ALA A 332 -15.31 -19.26 -12.69
CA ALA A 332 -16.08 -18.73 -13.81
C ALA A 332 -17.49 -18.35 -13.32
N ALA A 333 -18.25 -19.35 -12.89
CA ALA A 333 -19.63 -19.18 -12.41
C ALA A 333 -19.79 -19.59 -10.95
N MET A 343 -35.91 -10.79 -14.51
CA MET A 343 -35.89 -9.34 -14.55
C MET A 343 -34.46 -8.77 -14.56
N SER A 344 -34.34 -7.51 -14.99
CA SER A 344 -33.05 -6.84 -15.17
C SER A 344 -32.29 -6.60 -13.88
N LEU A 345 -30.95 -6.72 -13.97
CA LEU A 345 -30.08 -6.45 -12.85
C LEU A 345 -29.74 -4.96 -12.80
N SER A 346 -29.34 -4.49 -11.62
CA SER A 346 -28.83 -3.13 -11.44
C SER A 346 -27.38 -3.06 -11.91
N SER A 347 -26.90 -1.84 -12.16
CA SER A 347 -25.57 -1.61 -12.72
C SER A 347 -24.68 -0.87 -11.76
N PHE A 348 -23.47 -1.38 -11.57
CA PHE A 348 -22.42 -0.67 -10.86
C PHE A 348 -21.32 -0.34 -11.84
N THR A 349 -21.09 0.94 -12.05
CA THR A 349 -20.19 1.41 -13.10
C THR A 349 -19.16 2.28 -12.45
N VAL A 350 -17.94 1.76 -12.36
CA VAL A 350 -16.85 2.52 -11.81
C VAL A 350 -16.26 3.41 -12.93
N ASN A 351 -16.90 4.55 -13.16
CA ASN A 351 -16.50 5.45 -14.23
C ASN A 351 -16.42 6.91 -13.78
N ARG A 352 -16.24 7.08 -12.47
CA ARG A 352 -16.08 8.35 -11.79
C ARG A 352 -14.83 8.21 -10.93
N PRO A 353 -14.19 9.32 -10.54
CA PRO A 353 -13.05 9.18 -9.62
C PRO A 353 -13.45 8.43 -8.36
N PHE A 354 -12.47 7.79 -7.72
CA PHE A 354 -12.76 6.95 -6.56
C PHE A 354 -11.54 6.64 -5.72
N LEU A 355 -11.83 6.12 -4.55
CA LEU A 355 -10.84 5.79 -3.56
C LEU A 355 -10.90 4.28 -3.39
N PHE A 356 -9.77 3.62 -3.18
CA PHE A 356 -9.80 2.17 -2.92
C PHE A 356 -8.99 1.74 -1.71
N PHE A 357 -9.44 0.66 -1.12
CA PHE A 357 -8.69 -0.06 -0.10
C PHE A 357 -8.51 -1.49 -0.60
N ILE A 358 -7.31 -2.04 -0.47
CA ILE A 358 -7.14 -3.50 -0.55
C ILE A 358 -6.98 -4.02 0.86
N MET A 359 -7.94 -4.81 1.30
CA MET A 359 -7.93 -5.31 2.68
C MET A 359 -7.52 -6.78 2.76
N GLU A 360 -6.93 -7.19 3.89
CA GLU A 360 -6.89 -8.60 4.18
C GLU A 360 -8.09 -8.92 5.08
N ASP A 361 -8.87 -9.93 4.68
CA ASP A 361 -10.24 -10.15 5.17
C ASP A 361 -10.36 -10.97 6.44
N THR A 362 -9.32 -11.72 6.76
CA THR A 362 -9.31 -12.56 7.95
C THR A 362 -9.33 -11.70 9.21
N ILE A 363 -8.53 -10.64 9.25
CA ILE A 363 -8.34 -9.87 10.47
C ILE A 363 -8.60 -8.36 10.34
N GLY A 364 -8.57 -7.84 9.12
CA GLY A 364 -9.00 -6.47 8.85
C GLY A 364 -7.91 -5.46 8.62
N VAL A 365 -6.72 -5.93 8.29
CA VAL A 365 -5.59 -5.04 8.07
C VAL A 365 -5.65 -4.51 6.63
N PRO A 366 -5.58 -3.18 6.45
CA PRO A 366 -5.48 -2.61 5.10
C PRO A 366 -4.08 -2.77 4.53
N LEU A 367 -4.00 -3.31 3.32
CA LEU A 367 -2.72 -3.62 2.70
C LEU A 367 -2.27 -2.52 1.75
N PHE A 368 -3.22 -1.97 1.01
CA PHE A 368 -2.97 -0.87 0.06
C PHE A 368 -4.10 0.12 0.17
N VAL A 369 -3.78 1.40 0.00
CA VAL A 369 -4.79 2.43 -0.19
C VAL A 369 -4.40 3.28 -1.37
N GLY A 370 -5.40 3.86 -2.01
CA GLY A 370 -5.13 4.73 -3.13
C GLY A 370 -6.32 5.51 -3.57
N SER A 371 -6.08 6.35 -4.55
CA SER A 371 -7.06 7.31 -5.03
C SER A 371 -6.90 7.34 -6.54
N VAL A 372 -8.00 7.14 -7.26
CA VAL A 372 -7.92 7.13 -8.71
C VAL A 372 -8.77 8.27 -9.24
N ARG A 373 -8.10 9.25 -9.82
CA ARG A 373 -8.79 10.39 -10.40
C ARG A 373 -8.75 10.29 -11.93
N ASN A 374 -7.80 9.49 -12.44
CA ASN A 374 -7.62 9.29 -13.87
C ASN A 374 -6.88 7.98 -14.17
N PRO A 375 -7.61 6.94 -14.60
CA PRO A 375 -7.00 5.61 -14.71
C PRO A 375 -6.11 5.48 -15.94
N ASN A 376 -6.00 6.55 -16.72
CA ASN A 376 -5.18 6.55 -17.92
C ASN A 376 -4.52 7.92 -18.14
N PRO A 377 -3.58 8.31 -17.26
CA PRO A 377 -2.98 9.65 -17.29
C PRO A 377 -2.40 10.09 -18.63
N SER A 378 -2.04 9.13 -19.48
CA SER A 378 -1.44 9.44 -20.78
C SER A 378 -2.46 9.87 -21.82
N ALA A 379 -3.70 9.44 -21.64
CA ALA A 379 -4.72 9.68 -22.67
C ALA A 379 -5.08 11.16 -22.79
N LEU A 380 -5.36 11.59 -24.01
CA LEU A 380 -5.86 12.93 -24.24
C LEU A 380 -7.33 12.98 -23.78
N PRO A 381 -7.62 13.80 -22.77
CA PRO A 381 -9.04 13.91 -22.40
C PRO A 381 -9.88 14.46 -23.55
N GLN A 382 -11.16 14.11 -23.54
CA GLN A 382 -12.13 14.54 -24.54
C GLN A 382 -13.21 15.35 -23.86
N LEU A 383 -13.67 16.40 -24.54
CA LEU A 383 -14.79 17.20 -24.08
C LEU A 383 -16.04 16.54 -24.59
N GLN A 384 -16.86 15.99 -23.70
CA GLN A 384 -18.08 15.31 -24.13
C GLN A 384 -19.20 16.30 -24.43
N GLU A 385 -20.16 15.86 -25.26
CA GLU A 385 -21.37 16.65 -25.53
C GLU A 385 -22.28 16.73 -24.32
#